data_3DEU
#
_entry.id   3DEU
#
_cell.length_a   63.382
_cell.length_b   78.019
_cell.length_c   84.385
_cell.angle_alpha   90.000
_cell.angle_beta   90.000
_cell.angle_gamma   90.000
#
_symmetry.space_group_name_H-M   'P 21 21 2'
#
loop_
_entity.id
_entity.type
_entity.pdbx_description
1 polymer 'Transcriptional regulator slyA'
2 non-polymer '2-HYDROXYBENZOIC ACID'
3 water water
#
_entity_poly.entity_id   1
_entity_poly.type   'polypeptide(L)'
_entity_poly.pdbx_seq_one_letter_code
;MGHHHHHHHHHHSSGHIEGRHMLESPLGSDLARLVRIWRALIDHRLKPLELTQTHWVTLHNIHQLPPDQSQIQLAKAIGI
EQPSLVRTLDQLEDKGLISRQTCASDRRAKRIKLTEKAEPLIAEMEEVIHKTRGEILAGISSEEIELLIKLIAKLEHNIM
ELHSHD
;
_entity_poly.pdbx_strand_id   A,B
#
# COMPACT_ATOMS: atom_id res chain seq x y z
N LEU A 23 -40.39 11.26 13.21
CA LEU A 23 -40.13 10.48 14.46
C LEU A 23 -39.38 11.31 15.50
N GLU A 24 -39.15 10.69 16.66
CA GLU A 24 -38.57 11.36 17.80
C GLU A 24 -37.06 11.20 17.70
N SER A 25 -36.63 10.09 17.09
CA SER A 25 -35.25 9.61 17.25
C SER A 25 -34.25 10.40 16.42
N PRO A 26 -33.11 10.66 17.05
CA PRO A 26 -32.14 11.64 16.56
C PRO A 26 -31.25 10.97 15.53
N LEU A 27 -31.84 10.53 14.43
CA LEU A 27 -31.14 9.75 13.46
C LEU A 27 -29.89 10.46 12.90
N GLY A 28 -29.97 11.76 12.61
CA GLY A 28 -28.95 12.43 11.84
C GLY A 28 -27.69 12.55 12.70
N SER A 29 -27.85 12.81 13.97
CA SER A 29 -26.72 12.88 14.87
C SER A 29 -26.16 11.54 15.30
N ASP A 30 -27.00 10.49 15.34
CA ASP A 30 -26.48 9.14 15.47
C ASP A 30 -25.54 8.85 14.29
N LEU A 31 -25.98 9.08 13.07
CA LEU A 31 -25.16 8.76 11.92
C LEU A 31 -23.90 9.64 11.93
N ALA A 32 -24.03 10.90 12.35
CA ALA A 32 -22.94 11.86 12.24
C ALA A 32 -21.81 11.48 13.23
N ARG A 33 -22.14 11.16 14.48
CA ARG A 33 -21.23 10.51 15.41
C ARG A 33 -20.52 9.26 14.85
N LEU A 34 -21.30 8.36 14.28
CA LEU A 34 -20.75 7.10 13.79
C LEU A 34 -19.66 7.39 12.78
N VAL A 35 -20.00 8.31 11.89
CA VAL A 35 -19.13 8.65 10.80
C VAL A 35 -17.88 9.37 11.31
N ARG A 36 -18.03 10.18 12.36
CA ARG A 36 -16.89 10.86 12.98
C ARG A 36 -15.94 9.86 13.66
N ILE A 37 -16.46 8.96 14.48
CA ILE A 37 -15.64 7.94 15.11
C ILE A 37 -15.04 6.92 14.13
N TRP A 38 -15.63 6.71 12.97
CA TRP A 38 -15.10 5.77 12.01
C TRP A 38 -13.98 6.45 11.28
N ARG A 39 -14.20 7.71 10.95
CA ARG A 39 -13.11 8.49 10.37
C ARG A 39 -11.93 8.60 11.32
N ALA A 40 -12.19 8.69 12.63
CA ALA A 40 -11.12 9.05 13.56
C ALA A 40 -10.24 7.80 13.65
N LEU A 41 -10.88 6.63 13.72
CA LEU A 41 -10.17 5.35 13.67
C LEU A 41 -9.26 5.25 12.44
N ILE A 42 -9.82 5.50 11.27
CA ILE A 42 -8.99 5.54 10.10
C ILE A 42 -7.88 6.59 10.20
N ASP A 43 -8.14 7.74 10.84
CA ASP A 43 -7.16 8.83 10.79
C ASP A 43 -5.91 8.36 11.55
N HIS A 44 -6.19 7.70 12.68
CA HIS A 44 -5.20 7.18 13.58
C HIS A 44 -4.35 6.17 12.82
N ARG A 45 -5.00 5.17 12.26
CA ARG A 45 -4.32 4.15 11.48
C ARG A 45 -3.52 4.67 10.30
N LEU A 46 -3.83 5.85 9.78
CA LEU A 46 -3.12 6.34 8.58
C LEU A 46 -2.08 7.44 8.90
N LYS A 47 -1.83 7.67 10.17
CA LYS A 47 -1.05 8.86 10.58
C LYS A 47 0.43 8.63 10.22
N PRO A 48 0.90 7.40 10.41
CA PRO A 48 2.24 7.03 9.96
C PRO A 48 2.44 7.42 8.53
N LEU A 49 1.39 7.33 7.71
CA LEU A 49 1.50 7.78 6.34
C LEU A 49 1.43 9.29 6.24
N GLU A 50 1.27 9.92 7.40
CA GLU A 50 1.01 11.34 7.53
C GLU A 50 0.15 11.85 6.36
N LEU A 51 -0.95 11.15 6.16
CA LEU A 51 -2.11 11.72 5.48
C LEU A 51 -3.01 12.40 6.51
N THR A 52 -3.39 13.63 6.21
CA THR A 52 -4.46 14.25 6.97
C THR A 52 -5.85 13.75 6.50
N GLN A 53 -6.85 13.98 7.34
CA GLN A 53 -8.21 13.56 7.03
C GLN A 53 -8.73 13.94 5.65
N THR A 54 -8.56 15.20 5.35
CA THR A 54 -9.10 15.80 4.15
C THR A 54 -8.46 15.24 2.90
N HIS A 55 -7.15 15.07 3.02
CA HIS A 55 -6.32 14.44 2.02
C HIS A 55 -6.71 12.97 1.76
N TRP A 56 -6.81 12.13 2.78
CA TRP A 56 -7.12 10.71 2.45
C TRP A 56 -8.56 10.58 2.01
N VAL A 57 -9.43 11.39 2.61
CA VAL A 57 -10.84 11.38 2.25
C VAL A 57 -10.96 11.69 0.80
N THR A 58 -10.20 12.67 0.35
CA THR A 58 -10.33 13.15 -1.03
C THR A 58 -9.68 12.15 -2.01
N LEU A 59 -8.49 11.65 -1.67
CA LEU A 59 -7.82 10.62 -2.47
C LEU A 59 -8.61 9.30 -2.55
N HIS A 60 -9.14 8.86 -1.43
CA HIS A 60 -10.01 7.71 -1.44
C HIS A 60 -11.16 7.95 -2.41
N ASN A 61 -11.81 9.10 -2.28
CA ASN A 61 -12.90 9.44 -3.18
C ASN A 61 -12.48 9.45 -4.63
N ILE A 62 -11.32 10.03 -4.91
CA ILE A 62 -10.84 9.98 -6.29
C ILE A 62 -10.64 8.52 -6.71
N HIS A 63 -10.03 7.74 -5.85
CA HIS A 63 -9.81 6.35 -6.18
C HIS A 63 -11.09 5.56 -6.46
N GLN A 64 -12.15 5.79 -5.70
CA GLN A 64 -13.32 4.95 -5.97
C GLN A 64 -14.20 5.42 -7.13
N LEU A 65 -13.96 6.64 -7.61
CA LEU A 65 -14.60 7.09 -8.83
C LEU A 65 -13.95 6.53 -10.08
N PRO A 66 -14.73 6.45 -11.18
CA PRO A 66 -14.06 6.21 -12.45
C PRO A 66 -13.12 7.34 -12.81
N PRO A 67 -12.18 7.08 -13.71
CA PRO A 67 -11.09 7.95 -14.15
C PRO A 67 -11.56 9.31 -14.61
N ASP A 68 -10.66 10.28 -14.56
CA ASP A 68 -10.96 11.65 -15.00
C ASP A 68 -12.33 12.14 -14.50
N GLN A 69 -12.37 12.54 -13.25
CA GLN A 69 -13.48 13.34 -12.77
C GLN A 69 -13.16 14.83 -12.91
N SER A 70 -14.13 15.59 -13.41
CA SER A 70 -14.24 17.01 -13.10
C SER A 70 -14.19 17.25 -11.60
N GLN A 71 -13.65 18.41 -11.23
CA GLN A 71 -13.87 18.99 -9.92
C GLN A 71 -15.27 18.74 -9.38
N ILE A 72 -16.24 18.91 -10.28
CA ILE A 72 -17.64 19.08 -9.90
C ILE A 72 -18.21 17.72 -9.53
N GLN A 73 -17.79 16.70 -10.27
CA GLN A 73 -18.20 15.36 -9.94
C GLN A 73 -17.60 14.96 -8.59
N LEU A 74 -16.33 15.31 -8.38
CA LEU A 74 -15.66 14.96 -7.14
C LEU A 74 -16.34 15.62 -5.93
N ALA A 75 -16.56 16.93 -5.98
CA ALA A 75 -17.20 17.60 -4.86
C ALA A 75 -18.57 16.96 -4.57
N LYS A 76 -19.25 16.56 -5.65
CA LYS A 76 -20.57 15.96 -5.50
C LYS A 76 -20.48 14.58 -4.88
N ALA A 77 -19.50 13.79 -5.30
CA ALA A 77 -19.38 12.45 -4.73
C ALA A 77 -19.01 12.59 -3.25
N ILE A 78 -18.27 13.65 -2.90
CA ILE A 78 -17.88 13.84 -1.51
C ILE A 78 -19.10 14.36 -0.72
N GLY A 79 -19.96 15.13 -1.38
CA GLY A 79 -20.99 15.94 -0.71
C GLY A 79 -20.51 17.26 -0.13
N ILE A 80 -19.63 17.94 -0.85
CA ILE A 80 -19.20 19.27 -0.45
C ILE A 80 -19.25 20.21 -1.66
N GLU A 81 -18.99 21.49 -1.41
CA GLU A 81 -19.00 22.54 -2.45
C GLU A 81 -17.61 22.85 -2.94
N GLN A 82 -17.46 23.16 -4.23
CA GLN A 82 -16.16 23.09 -4.88
C GLN A 82 -15.10 23.85 -4.12
N PRO A 83 -15.42 25.06 -3.66
CA PRO A 83 -14.29 25.86 -3.22
C PRO A 83 -13.55 25.24 -2.06
N SER A 84 -14.24 24.48 -1.23
CA SER A 84 -13.56 23.76 -0.15
C SER A 84 -12.73 22.65 -0.76
N LEU A 85 -13.28 22.01 -1.79
CA LEU A 85 -12.51 20.99 -2.43
C LEU A 85 -11.15 21.56 -2.90
N VAL A 86 -11.12 22.81 -3.39
CA VAL A 86 -9.98 23.33 -4.16
C VAL A 86 -8.72 23.51 -3.31
N ARG A 87 -8.81 23.98 -2.08
CA ARG A 87 -7.53 24.09 -1.38
C ARG A 87 -6.90 22.71 -1.28
N THR A 88 -7.73 21.68 -1.04
CA THR A 88 -7.23 20.34 -0.70
C THR A 88 -6.58 19.81 -1.96
N LEU A 89 -7.24 19.96 -3.11
CA LEU A 89 -6.70 19.54 -4.39
C LEU A 89 -5.38 20.25 -4.75
N ASP A 90 -5.30 21.54 -4.44
CA ASP A 90 -4.11 22.33 -4.71
C ASP A 90 -2.91 21.75 -4.00
N GLN A 91 -3.11 21.43 -2.72
CA GLN A 91 -2.02 20.81 -1.95
C GLN A 91 -1.55 19.46 -2.53
N LEU A 92 -2.47 18.49 -2.62
CA LEU A 92 -2.24 17.24 -3.34
C LEU A 92 -1.50 17.45 -4.65
N GLU A 93 -1.78 18.54 -5.37
CA GLU A 93 -1.11 18.75 -6.66
C GLU A 93 0.31 19.22 -6.39
N ASP A 94 0.44 20.05 -5.36
CA ASP A 94 1.76 20.48 -4.93
C ASP A 94 2.66 19.32 -4.57
N LYS A 95 2.15 18.31 -3.86
CA LYS A 95 2.96 17.14 -3.47
C LYS A 95 3.02 16.10 -4.60
N GLY A 96 2.39 16.40 -5.73
CA GLY A 96 2.53 15.59 -6.94
C GLY A 96 1.67 14.34 -6.87
N LEU A 97 0.74 14.30 -5.91
CA LEU A 97 -0.18 13.16 -5.79
C LEU A 97 -1.23 13.10 -6.89
N ILE A 98 -1.47 14.23 -7.55
CA ILE A 98 -2.70 14.48 -8.30
C ILE A 98 -2.29 15.36 -9.50
N SER A 99 -2.85 15.13 -10.68
CA SER A 99 -2.72 16.09 -11.78
C SER A 99 -4.04 16.62 -12.32
N ARG A 100 -4.06 17.90 -12.66
CA ARG A 100 -5.21 18.50 -13.35
C ARG A 100 -4.80 19.12 -14.68
N GLN A 101 -5.66 18.94 -15.69
CA GLN A 101 -5.51 19.64 -16.95
C GLN A 101 -6.89 19.90 -17.52
N LYS A 110 -12.15 21.07 -15.71
CA LYS A 110 -11.02 20.91 -14.75
C LYS A 110 -10.95 19.48 -14.23
N ARG A 111 -10.17 18.60 -14.87
CA ARG A 111 -10.24 17.17 -14.57
C ARG A 111 -9.07 16.59 -13.77
N ILE A 112 -9.31 15.46 -13.11
CA ILE A 112 -8.46 15.01 -12.02
C ILE A 112 -7.98 13.58 -12.20
N LYS A 113 -6.67 13.38 -12.06
CA LYS A 113 -6.02 12.11 -12.33
C LYS A 113 -5.01 11.84 -11.23
N LEU A 114 -5.13 10.70 -10.55
CA LEU A 114 -4.07 10.26 -9.64
C LEU A 114 -2.80 10.05 -10.45
N THR A 115 -1.66 10.44 -9.89
CA THR A 115 -0.37 10.24 -10.56
C THR A 115 0.24 8.86 -10.30
N GLU A 116 1.23 8.52 -11.12
CA GLU A 116 2.16 7.42 -10.88
C GLU A 116 2.75 7.47 -9.49
N LYS A 117 3.13 8.67 -9.07
CA LYS A 117 3.75 8.88 -7.76
C LYS A 117 2.85 8.59 -6.55
N ALA A 118 1.52 8.67 -6.73
CA ALA A 118 0.59 8.48 -5.59
C ALA A 118 0.21 7.00 -5.41
N GLU A 119 0.52 6.19 -6.42
CA GLU A 119 0.13 4.77 -6.47
C GLU A 119 0.54 3.93 -5.25
N PRO A 120 1.82 3.92 -4.85
CA PRO A 120 2.04 3.14 -3.63
C PRO A 120 1.27 3.70 -2.42
N LEU A 121 1.09 5.02 -2.36
CA LEU A 121 0.46 5.60 -1.18
C LEU A 121 -1.02 5.20 -1.13
N ILE A 122 -1.66 5.33 -2.29
CA ILE A 122 -3.04 4.91 -2.47
C ILE A 122 -3.26 3.44 -2.11
N ALA A 123 -2.43 2.58 -2.68
CA ALA A 123 -2.67 1.15 -2.50
C ALA A 123 -2.57 0.81 -1.02
N GLU A 124 -1.57 1.33 -0.32
CA GLU A 124 -1.58 1.11 1.11
C GLU A 124 -2.76 1.75 1.91
N MET A 125 -3.17 2.95 1.50
CA MET A 125 -4.33 3.62 2.10
C MET A 125 -5.59 2.77 1.95
N GLU A 126 -5.87 2.41 0.70
CA GLU A 126 -7.03 1.55 0.40
C GLU A 126 -7.02 0.20 1.15
N GLU A 127 -5.83 -0.34 1.36
CA GLU A 127 -5.73 -1.60 2.08
C GLU A 127 -6.13 -1.38 3.51
N VAL A 128 -5.67 -0.28 4.14
CA VAL A 128 -6.07 -0.03 5.55
C VAL A 128 -7.59 0.25 5.71
N ILE A 129 -8.11 1.03 4.76
CA ILE A 129 -9.54 1.36 4.72
C ILE A 129 -10.39 0.08 4.56
N HIS A 130 -10.12 -0.72 3.53
CA HIS A 130 -10.74 -2.04 3.29
C HIS A 130 -10.73 -2.95 4.49
N LYS A 131 -9.55 -3.06 5.11
CA LYS A 131 -9.36 -3.90 6.28
C LYS A 131 -10.10 -3.39 7.50
N THR A 132 -10.09 -2.07 7.69
CA THR A 132 -10.92 -1.46 8.76
C THR A 132 -12.41 -1.69 8.54
N ARG A 133 -12.87 -1.63 7.30
CA ARG A 133 -14.27 -1.88 7.02
C ARG A 133 -14.66 -3.32 7.39
N GLY A 134 -13.84 -4.29 7.00
CA GLY A 134 -14.06 -5.71 7.41
C GLY A 134 -14.18 -5.84 8.91
N GLU A 135 -13.27 -5.25 9.68
CA GLU A 135 -13.48 -5.31 11.13
C GLU A 135 -14.71 -4.52 11.64
N ILE A 136 -15.06 -3.40 11.01
CA ILE A 136 -16.25 -2.67 11.46
C ILE A 136 -17.52 -3.48 11.19
N LEU A 137 -17.50 -4.26 10.11
CA LEU A 137 -18.69 -4.91 9.58
C LEU A 137 -18.91 -6.31 10.17
N ALA A 138 -18.00 -6.71 11.04
CA ALA A 138 -17.97 -8.01 11.74
C ALA A 138 -19.25 -8.37 12.47
N GLY A 139 -19.94 -9.43 12.03
CA GLY A 139 -21.14 -9.91 12.73
C GLY A 139 -22.38 -9.22 12.22
N ILE A 140 -22.21 -8.59 11.06
CA ILE A 140 -23.35 -7.98 10.43
C ILE A 140 -23.47 -8.72 9.12
N SER A 141 -24.71 -9.07 8.78
CA SER A 141 -24.95 -10.03 7.73
C SER A 141 -24.93 -9.20 6.49
N SER A 142 -24.60 -9.83 5.38
CA SER A 142 -24.70 -9.20 4.10
C SER A 142 -26.07 -8.61 3.75
N GLU A 143 -27.16 -9.25 4.15
CA GLU A 143 -28.47 -8.73 3.71
C GLU A 143 -28.82 -7.51 4.56
N GLU A 144 -28.40 -7.50 5.81
CA GLU A 144 -28.41 -6.28 6.60
C GLU A 144 -27.54 -5.13 6.06
N ILE A 145 -26.39 -5.43 5.47
CA ILE A 145 -25.54 -4.36 4.93
C ILE A 145 -26.13 -3.85 3.62
N GLU A 146 -26.72 -4.79 2.88
CA GLU A 146 -27.44 -4.44 1.68
C GLU A 146 -28.64 -3.56 1.96
N LEU A 147 -29.42 -3.83 3.00
CA LEU A 147 -30.47 -2.86 3.31
C LEU A 147 -29.93 -1.47 3.74
N LEU A 148 -28.88 -1.40 4.56
CA LEU A 148 -28.26 -0.11 4.93
C LEU A 148 -27.94 0.65 3.66
N ILE A 149 -27.27 0.02 2.72
CA ILE A 149 -26.94 0.72 1.49
C ILE A 149 -28.15 1.22 0.74
N LYS A 150 -29.24 0.45 0.68
CA LYS A 150 -30.38 0.92 -0.12
C LYS A 150 -31.05 2.07 0.63
N LEU A 151 -31.10 1.97 1.96
CA LEU A 151 -31.63 3.02 2.81
C LEU A 151 -30.85 4.36 2.76
N ILE A 152 -29.52 4.29 2.80
CA ILE A 152 -28.65 5.46 2.60
C ILE A 152 -29.04 6.19 1.32
N ALA A 153 -29.18 5.42 0.23
CA ALA A 153 -29.66 5.94 -1.06
C ALA A 153 -30.99 6.69 -1.05
N LYS A 154 -31.97 6.11 -0.38
CA LYS A 154 -33.27 6.74 -0.26
C LYS A 154 -33.19 7.99 0.60
N LEU A 155 -32.47 7.93 1.71
CA LEU A 155 -32.30 9.11 2.55
C LEU A 155 -31.68 10.25 1.73
N GLU A 156 -30.62 9.99 0.99
CA GLU A 156 -30.01 11.00 0.14
C GLU A 156 -30.96 11.54 -0.95
N HIS A 157 -31.71 10.65 -1.60
CA HIS A 157 -32.71 11.09 -2.56
C HIS A 157 -33.71 12.00 -1.88
N ASN A 158 -34.21 11.61 -0.71
CA ASN A 158 -35.10 12.56 -0.09
C ASN A 158 -34.37 13.88 0.07
N ILE A 159 -33.13 13.87 0.55
CA ILE A 159 -32.45 15.11 0.86
C ILE A 159 -32.36 15.98 -0.42
N MET A 160 -31.95 15.40 -1.53
CA MET A 160 -31.69 16.18 -2.73
C MET A 160 -33.00 16.77 -3.24
N GLU A 161 -34.02 15.95 -3.36
CA GLU A 161 -35.37 16.44 -3.56
C GLU A 161 -35.73 17.56 -2.57
N LEU A 162 -35.10 17.58 -1.40
CA LEU A 162 -35.29 18.61 -0.38
C LEU A 162 -36.51 18.35 0.50
N LEU B 23 22.22 -31.69 -17.27
CA LEU B 23 21.26 -31.38 -18.36
C LEU B 23 21.80 -30.27 -19.28
N GLU B 24 21.12 -30.06 -20.41
CA GLU B 24 21.55 -29.08 -21.39
C GLU B 24 20.91 -27.71 -21.15
N SER B 25 19.95 -27.61 -20.25
CA SER B 25 19.03 -26.49 -20.34
C SER B 25 19.72 -25.52 -19.39
N PRO B 26 19.93 -24.28 -19.82
CA PRO B 26 20.66 -23.32 -19.00
C PRO B 26 19.77 -22.73 -17.90
N LEU B 27 19.50 -23.51 -16.86
CA LEU B 27 18.56 -23.16 -15.84
C LEU B 27 19.00 -21.97 -14.96
N GLY B 28 20.31 -21.77 -14.85
CA GLY B 28 20.84 -20.83 -13.88
C GLY B 28 20.64 -19.45 -14.48
N SER B 29 21.09 -19.31 -15.72
CA SER B 29 20.85 -18.12 -16.49
C SER B 29 19.38 -17.81 -16.77
N ASP B 30 18.48 -18.80 -16.83
CA ASP B 30 17.07 -18.50 -17.04
C ASP B 30 16.52 -17.93 -15.76
N LEU B 31 16.92 -18.54 -14.65
CA LEU B 31 16.43 -18.07 -13.36
C LEU B 31 16.91 -16.64 -13.15
N ALA B 32 18.14 -16.32 -13.56
CA ALA B 32 18.79 -15.03 -13.28
C ALA B 32 18.04 -13.94 -14.04
N ARG B 33 17.81 -14.17 -15.33
CA ARG B 33 17.07 -13.23 -16.17
C ARG B 33 15.71 -12.95 -15.55
N LEU B 34 15.03 -14.00 -15.12
CA LEU B 34 13.75 -13.88 -14.45
C LEU B 34 13.79 -12.99 -13.24
N VAL B 35 14.78 -13.25 -12.39
CA VAL B 35 14.97 -12.43 -11.22
C VAL B 35 15.21 -10.96 -11.58
N ARG B 36 16.00 -10.74 -12.63
CA ARG B 36 16.38 -9.37 -13.03
C ARG B 36 15.19 -8.58 -13.58
N ILE B 37 14.37 -9.21 -14.43
CA ILE B 37 13.19 -8.52 -14.92
C ILE B 37 12.08 -8.35 -13.87
N TRP B 38 11.97 -9.29 -12.94
CA TRP B 38 11.01 -9.12 -11.86
C TRP B 38 11.42 -7.96 -10.94
N ARG B 39 12.70 -7.89 -10.67
CA ARG B 39 13.20 -6.81 -9.84
C ARG B 39 13.06 -5.42 -10.51
N ALA B 40 13.25 -5.34 -11.82
CA ALA B 40 13.10 -4.11 -12.59
C ALA B 40 11.65 -3.63 -12.50
N LEU B 41 10.68 -4.54 -12.65
CA LEU B 41 9.27 -4.19 -12.45
C LEU B 41 9.07 -3.61 -11.04
N ILE B 42 9.57 -4.27 -10.00
CA ILE B 42 9.37 -3.72 -8.67
C ILE B 42 10.09 -2.39 -8.54
N ASP B 43 11.30 -2.30 -9.10
CA ASP B 43 12.11 -1.08 -9.10
C ASP B 43 11.31 0.09 -9.69
N HIS B 44 10.69 -0.15 -10.84
CA HIS B 44 9.88 0.86 -11.46
C HIS B 44 8.66 1.32 -10.62
N ARG B 45 8.02 0.38 -9.93
CA ARG B 45 6.84 0.74 -9.18
C ARG B 45 7.23 1.38 -7.87
N LEU B 46 8.44 1.10 -7.41
CA LEU B 46 8.87 1.73 -6.18
C LEU B 46 9.60 3.06 -6.38
N LYS B 47 9.75 3.54 -7.60
CA LYS B 47 10.48 4.79 -7.80
C LYS B 47 9.91 5.95 -6.95
N PRO B 48 8.59 6.17 -6.99
CA PRO B 48 7.95 7.16 -6.13
C PRO B 48 8.43 7.18 -4.68
N LEU B 49 8.78 6.06 -4.07
CA LEU B 49 9.39 6.12 -2.74
C LEU B 49 10.86 6.50 -2.79
N GLU B 50 11.34 6.82 -3.97
CA GLU B 50 12.75 7.20 -4.11
C GLU B 50 13.69 6.24 -3.39
N LEU B 51 13.43 4.95 -3.52
CA LEU B 51 14.37 3.99 -2.97
C LEU B 51 15.29 3.52 -4.10
N THR B 52 16.56 3.28 -3.80
CA THR B 52 17.38 2.52 -4.75
C THR B 52 17.08 1.02 -4.62
N GLN B 53 17.37 0.30 -5.69
CA GLN B 53 17.25 -1.14 -5.73
C GLN B 53 17.85 -1.88 -4.54
N THR B 54 19.06 -1.52 -4.18
CA THR B 54 19.74 -2.21 -3.08
C THR B 54 19.08 -1.80 -1.78
N HIS B 55 18.63 -0.55 -1.71
CA HIS B 55 17.98 -0.11 -0.48
C HIS B 55 16.67 -0.85 -0.25
N TRP B 56 15.83 -0.93 -1.26
CA TRP B 56 14.53 -1.56 -1.01
C TRP B 56 14.63 -3.03 -0.80
N VAL B 57 15.52 -3.67 -1.57
CA VAL B 57 15.78 -5.11 -1.45
C VAL B 57 16.29 -5.44 -0.06
N THR B 58 17.16 -4.58 0.49
CA THR B 58 17.64 -4.75 1.87
C THR B 58 16.56 -4.52 2.92
N LEU B 59 15.82 -3.43 2.83
CA LEU B 59 14.69 -3.20 3.75
C LEU B 59 13.64 -4.31 3.68
N HIS B 60 13.30 -4.73 2.46
CA HIS B 60 12.41 -5.90 2.32
C HIS B 60 12.93 -7.16 3.00
N ASN B 61 14.23 -7.42 2.96
CA ASN B 61 14.77 -8.62 3.64
C ASN B 61 14.79 -8.48 5.14
N ILE B 62 15.06 -7.26 5.57
CA ILE B 62 15.01 -7.04 7.01
C ILE B 62 13.57 -7.28 7.44
N HIS B 63 12.62 -6.66 6.77
CA HIS B 63 11.23 -6.91 7.15
C HIS B 63 10.82 -8.40 7.17
N GLN B 64 11.28 -9.19 6.20
CA GLN B 64 10.90 -10.59 6.16
C GLN B 64 11.49 -11.44 7.28
N LEU B 65 12.40 -10.86 8.06
CA LEU B 65 13.17 -11.66 9.00
C LEU B 65 12.68 -11.36 10.40
N PRO B 66 12.81 -12.30 11.35
CA PRO B 66 12.55 -11.86 12.72
C PRO B 66 13.30 -10.57 13.00
N PRO B 67 13.04 -9.92 14.15
CA PRO B 67 13.62 -8.61 14.41
C PRO B 67 14.86 -8.81 15.25
N ASP B 68 15.53 -7.71 15.58
CA ASP B 68 16.86 -7.81 16.19
C ASP B 68 17.51 -8.97 15.45
N GLN B 69 18.33 -8.59 14.46
CA GLN B 69 18.85 -9.52 13.47
C GLN B 69 20.25 -9.01 13.17
N SER B 70 21.20 -9.94 13.14
CA SER B 70 22.60 -9.58 12.94
C SER B 70 22.86 -9.30 11.47
N GLN B 71 23.95 -8.59 11.19
CA GLN B 71 24.44 -8.46 9.82
C GLN B 71 24.69 -9.82 9.15
N ILE B 72 25.20 -10.76 9.95
CA ILE B 72 25.67 -12.03 9.42
C ILE B 72 24.39 -12.72 8.95
N GLN B 73 23.37 -12.62 9.80
CA GLN B 73 22.09 -13.24 9.51
C GLN B 73 21.44 -12.62 8.28
N LEU B 74 21.48 -11.30 8.17
CA LEU B 74 20.88 -10.59 7.05
C LEU B 74 21.61 -10.87 5.74
N ALA B 75 22.94 -10.86 5.77
CA ALA B 75 23.75 -11.14 4.58
C ALA B 75 23.46 -12.57 4.12
N LYS B 76 23.37 -13.47 5.08
CA LYS B 76 22.99 -14.83 4.80
C LYS B 76 21.60 -14.91 4.17
N ALA B 77 20.66 -14.12 4.68
CA ALA B 77 19.29 -14.14 4.18
C ALA B 77 19.24 -13.61 2.76
N ILE B 78 19.99 -12.55 2.46
CA ILE B 78 20.05 -12.02 1.11
C ILE B 78 20.84 -12.90 0.13
N GLY B 79 21.84 -13.62 0.63
CA GLY B 79 22.81 -14.30 -0.23
C GLY B 79 24.02 -13.48 -0.66
N ILE B 80 24.49 -12.57 0.19
CA ILE B 80 25.63 -11.71 -0.17
C ILE B 80 26.76 -11.71 0.87
N GLU B 81 27.84 -10.97 0.61
CA GLU B 81 28.95 -10.82 1.58
C GLU B 81 28.78 -9.62 2.48
N GLN B 82 28.92 -9.79 3.79
CA GLN B 82 28.88 -8.68 4.74
C GLN B 82 29.47 -7.36 4.31
N PRO B 83 30.73 -7.36 3.85
CA PRO B 83 31.24 -6.07 3.41
C PRO B 83 30.35 -5.42 2.37
N SER B 84 29.65 -6.25 1.59
CA SER B 84 28.73 -5.70 0.58
C SER B 84 27.52 -5.05 1.24
N LEU B 85 27.07 -5.70 2.31
CA LEU B 85 25.92 -5.24 3.07
C LEU B 85 26.23 -3.97 3.86
N VAL B 86 27.42 -3.89 4.44
CA VAL B 86 27.73 -2.82 5.38
C VAL B 86 27.48 -1.46 4.76
N ARG B 87 27.81 -1.32 3.50
CA ARG B 87 27.72 0.00 2.90
C ARG B 87 26.25 0.39 2.74
N THR B 88 25.42 -0.59 2.36
CA THR B 88 24.00 -0.28 2.22
C THR B 88 23.46 -0.01 3.62
N LEU B 89 23.78 -0.84 4.61
CA LEU B 89 23.26 -0.62 5.94
C LEU B 89 23.64 0.77 6.47
N ASP B 90 24.85 1.23 6.13
CA ASP B 90 25.33 2.49 6.69
C ASP B 90 24.50 3.62 6.09
N GLN B 91 24.25 3.54 4.78
CA GLN B 91 23.37 4.54 4.13
C GLN B 91 21.91 4.52 4.62
N LEU B 92 21.34 3.34 4.82
CA LEU B 92 19.99 3.23 5.38
C LEU B 92 19.97 3.86 6.77
N GLU B 93 21.12 3.81 7.44
CA GLU B 93 21.23 4.36 8.78
C GLU B 93 21.46 5.87 8.72
N ASP B 94 22.19 6.33 7.72
CA ASP B 94 22.29 7.78 7.60
C ASP B 94 20.89 8.42 7.50
N LYS B 95 19.93 7.65 7.00
CA LYS B 95 18.62 8.20 6.68
C LYS B 95 17.62 7.73 7.72
N GLY B 96 18.14 7.16 8.80
CA GLY B 96 17.30 6.80 9.94
C GLY B 96 16.11 5.94 9.55
N LEU B 97 16.30 5.12 8.51
CA LEU B 97 15.39 4.02 8.16
C LEU B 97 15.70 2.85 9.09
N ILE B 98 16.90 2.88 9.66
CA ILE B 98 17.46 1.72 10.35
C ILE B 98 18.32 2.24 11.48
N SER B 99 18.43 1.41 12.52
CA SER B 99 19.28 1.66 13.67
C SER B 99 20.11 0.43 14.01
N ARG B 100 21.33 0.68 14.47
CA ARG B 100 22.24 -0.39 14.87
C ARG B 100 22.86 -0.13 16.24
N ARG B 111 23.11 -5.40 15.96
CA ARG B 111 21.73 -5.82 15.50
C ARG B 111 20.98 -4.73 14.74
N ILE B 112 20.03 -5.17 13.93
CA ILE B 112 19.29 -4.27 13.06
C ILE B 112 17.85 -4.11 13.53
N LYS B 113 17.43 -2.86 13.58
CA LYS B 113 16.06 -2.49 13.89
C LYS B 113 15.63 -1.45 12.87
N LEU B 114 14.50 -1.75 12.21
CA LEU B 114 13.82 -0.77 11.39
C LEU B 114 13.38 0.33 12.35
N THR B 115 13.44 1.57 11.89
CA THR B 115 12.99 2.66 12.74
C THR B 115 11.48 2.88 12.56
N GLU B 116 10.92 3.68 13.47
CA GLU B 116 9.69 4.42 13.23
C GLU B 116 9.61 5.14 11.89
N LYS B 117 10.61 5.93 11.50
CA LYS B 117 10.51 6.58 10.18
C LYS B 117 10.23 5.58 9.06
N ALA B 118 10.72 4.36 9.21
CA ALA B 118 10.79 3.46 8.05
C ALA B 118 9.42 2.81 7.80
N GLU B 119 8.67 2.71 8.89
CA GLU B 119 7.42 1.92 8.99
C GLU B 119 6.41 2.15 7.85
N PRO B 120 6.10 3.42 7.54
CA PRO B 120 5.41 3.94 6.37
C PRO B 120 5.84 3.40 5.02
N LEU B 121 6.96 3.93 4.56
CA LEU B 121 7.92 3.29 3.67
C LEU B 121 7.88 1.79 3.57
N ILE B 122 8.15 1.08 4.67
CA ILE B 122 8.01 -0.36 4.59
C ILE B 122 6.62 -0.84 4.16
N ALA B 123 5.60 -0.16 4.68
CA ALA B 123 4.18 -0.53 4.46
C ALA B 123 3.90 -0.41 2.97
N GLU B 124 4.31 0.74 2.45
CA GLU B 124 4.06 1.02 1.05
C GLU B 124 4.81 0.07 0.12
N MET B 125 6.04 -0.26 0.51
CA MET B 125 6.87 -1.19 -0.26
C MET B 125 6.29 -2.61 -0.26
N GLU B 126 5.95 -3.08 0.92
CA GLU B 126 5.44 -4.44 1.02
C GLU B 126 4.12 -4.57 0.26
N GLU B 127 3.27 -3.57 0.40
CA GLU B 127 2.03 -3.60 -0.38
C GLU B 127 2.27 -3.71 -1.89
N VAL B 128 3.15 -2.89 -2.47
CA VAL B 128 3.51 -3.06 -3.88
C VAL B 128 4.13 -4.43 -4.28
N ILE B 129 4.94 -4.94 -3.35
CA ILE B 129 5.70 -6.16 -3.64
C ILE B 129 4.64 -7.27 -3.63
N HIS B 130 3.79 -7.32 -2.60
CA HIS B 130 2.62 -8.24 -2.56
C HIS B 130 1.64 -8.24 -3.75
N LYS B 131 1.16 -7.04 -4.08
CA LYS B 131 0.20 -6.90 -5.15
C LYS B 131 0.86 -7.31 -6.45
N THR B 132 2.08 -6.84 -6.62
CA THR B 132 2.86 -7.32 -7.77
C THR B 132 3.06 -8.83 -7.81
N ARG B 133 3.44 -9.47 -6.71
CA ARG B 133 3.59 -10.93 -6.71
C ARG B 133 2.30 -11.60 -7.18
N GLY B 134 1.19 -11.09 -6.68
CA GLY B 134 -0.14 -11.57 -7.06
C GLY B 134 -0.39 -11.54 -8.56
N GLU B 135 0.01 -10.44 -9.21
CA GLU B 135 -0.21 -10.35 -10.66
C GLU B 135 0.67 -11.33 -11.39
N ILE B 136 1.92 -11.47 -10.97
CA ILE B 136 2.92 -12.30 -11.67
C ILE B 136 2.58 -13.78 -11.51
N LEU B 137 1.85 -14.10 -10.43
CA LEU B 137 1.43 -15.48 -10.12
C LEU B 137 0.04 -15.79 -10.70
N ALA B 138 -0.45 -14.86 -11.51
CA ALA B 138 -1.73 -14.98 -12.20
C ALA B 138 -1.81 -16.27 -12.98
N GLY B 139 -2.82 -17.09 -12.67
CA GLY B 139 -3.03 -18.35 -13.38
C GLY B 139 -1.93 -19.40 -13.27
N ILE B 140 -1.21 -19.41 -12.15
CA ILE B 140 -0.36 -20.54 -11.69
C ILE B 140 -0.91 -21.09 -10.39
N SER B 141 -0.83 -22.41 -10.22
CA SER B 141 -1.65 -23.07 -9.23
C SER B 141 -0.83 -23.04 -7.94
N SER B 142 -1.52 -22.93 -6.82
CA SER B 142 -0.89 -23.12 -5.52
C SER B 142 -0.01 -24.35 -5.48
N GLU B 143 -0.38 -25.45 -6.12
CA GLU B 143 0.48 -26.62 -5.94
C GLU B 143 1.72 -26.57 -6.84
N GLU B 144 1.60 -25.95 -8.00
CA GLU B 144 2.79 -25.56 -8.77
C GLU B 144 3.73 -24.65 -7.96
N ILE B 145 3.21 -23.58 -7.35
CA ILE B 145 4.04 -22.69 -6.52
C ILE B 145 4.73 -23.40 -5.35
N GLU B 146 4.02 -24.33 -4.72
CA GLU B 146 4.53 -25.07 -3.59
C GLU B 146 5.66 -25.98 -4.07
N LEU B 147 5.52 -26.61 -5.23
CA LEU B 147 6.70 -27.31 -5.67
C LEU B 147 7.88 -26.37 -6.00
N LEU B 148 7.63 -25.19 -6.55
CA LEU B 148 8.74 -24.30 -6.94
C LEU B 148 9.55 -24.01 -5.67
N ILE B 149 8.85 -23.54 -4.66
CA ILE B 149 9.42 -23.33 -3.33
C ILE B 149 10.25 -24.51 -2.81
N LYS B 150 9.72 -25.73 -2.86
CA LYS B 150 10.46 -26.90 -2.39
C LYS B 150 11.71 -27.09 -3.23
N LEU B 151 11.58 -26.85 -4.52
CA LEU B 151 12.71 -27.13 -5.38
C LEU B 151 13.83 -26.05 -5.30
N ILE B 152 13.48 -24.80 -5.06
CA ILE B 152 14.45 -23.76 -4.71
C ILE B 152 15.25 -24.11 -3.44
N ALA B 153 14.56 -24.45 -2.35
CA ALA B 153 15.20 -24.88 -1.11
C ALA B 153 16.23 -25.96 -1.40
N LYS B 154 15.81 -26.93 -2.21
CA LYS B 154 16.63 -28.07 -2.56
C LYS B 154 17.85 -27.72 -3.41
N LEU B 155 17.65 -26.87 -4.41
CA LEU B 155 18.75 -26.43 -5.28
C LEU B 155 19.74 -25.61 -4.42
N GLU B 156 19.21 -24.79 -3.52
CA GLU B 156 20.05 -24.05 -2.58
C GLU B 156 20.93 -24.91 -1.69
N HIS B 157 20.30 -25.94 -1.12
CA HIS B 157 20.96 -26.98 -0.35
C HIS B 157 22.06 -27.65 -1.12
N ASN B 158 21.81 -28.11 -2.33
CA ASN B 158 22.96 -28.62 -3.08
C ASN B 158 24.05 -27.58 -3.29
N ILE B 159 23.72 -26.29 -3.36
CA ILE B 159 24.74 -25.31 -3.74
C ILE B 159 25.61 -25.15 -2.49
N MET B 160 24.95 -24.97 -1.35
CA MET B 160 25.66 -24.79 -0.08
C MET B 160 26.48 -26.05 0.26
N GLU B 161 25.86 -27.22 0.23
CA GLU B 161 26.65 -28.45 0.30
C GLU B 161 27.83 -28.52 -0.66
N LEU B 162 27.80 -27.81 -1.78
CA LEU B 162 29.03 -27.75 -2.56
C LEU B 162 29.94 -26.66 -2.00
#